data_6AG8
#
_entry.id   6AG8
#
_cell.length_a   62.104
_cell.length_b   62.104
_cell.length_c   81.128
_cell.angle_alpha   90.00
_cell.angle_beta   90.00
_cell.angle_gamma   120.00
#
_symmetry.space_group_name_H-M   'P 3'
#
loop_
_entity.id
_entity.type
_entity.pdbx_description
1 polymer 'Maltose O-acetyltransferase'
2 non-polymer 2-AMINO-2-HYDROXYMETHYL-PROPANE-1,3-DIOL
3 water water
#
_entity_poly.entity_id   1
_entity_poly.type   'polypeptide(L)'
_entity_poly.pdbx_seq_one_letter_code
;MSTEKEKMIAGELYRSADETLSRDRLRARQLIHRYNHSLAEEHTLRQQILADLFGQVTEAYIEPTFRCDYGYNIFLGNNF
FANFDCVMLDVCPIRIGDNCMLAPGVHIYTATHPIDPVARNSGAELGKPVTIGNNVWIGGRAVINPGVTIGDNVVVASGA
VVTKDVPDNVVVGGNPARIIKKLLEHHHHHH
;
_entity_poly.pdbx_strand_id   C,A
#
# COMPACT_ATOMS: atom_id res chain seq x y z
N SER A 2 -17.73 8.36 -22.94
CA SER A 2 -17.13 9.53 -22.27
C SER A 2 -16.27 10.35 -23.22
N THR A 3 -16.33 11.64 -22.99
CA THR A 3 -15.47 12.57 -23.66
C THR A 3 -14.04 12.49 -23.11
N GLU A 4 -13.12 13.12 -23.86
CA GLU A 4 -11.70 13.11 -23.42
C GLU A 4 -11.62 13.73 -22.02
N LYS A 5 -12.35 14.81 -21.76
CA LYS A 5 -12.33 15.48 -20.48
C LYS A 5 -12.84 14.54 -19.38
N GLU A 6 -13.95 13.82 -19.64
CA GLU A 6 -14.54 13.00 -18.61
C GLU A 6 -13.59 11.85 -18.34
N LYS A 7 -12.99 11.31 -19.39
CA LYS A 7 -12.05 10.25 -19.21
C LYS A 7 -10.86 10.72 -18.35
N MET A 8 -10.36 11.91 -18.68
CA MET A 8 -9.21 12.43 -17.91
C MET A 8 -9.55 12.44 -16.42
N ILE A 9 -10.66 13.07 -16.05
CA ILE A 9 -11.04 13.20 -14.66
C ILE A 9 -11.21 11.84 -14.00
N ALA A 10 -11.80 10.87 -14.72
CA ALA A 10 -12.04 9.53 -14.22
C ALA A 10 -10.80 8.66 -14.15
N GLY A 11 -9.63 9.09 -14.64
CA GLY A 11 -8.45 8.24 -14.55
C GLY A 11 -8.41 7.20 -15.66
N GLU A 12 -9.08 7.53 -16.76
CA GLU A 12 -8.99 6.66 -18.02
C GLU A 12 -8.03 7.31 -19.00
N LEU A 13 -7.54 6.54 -19.99
CA LEU A 13 -6.69 7.10 -21.03
C LEU A 13 -7.48 8.21 -21.76
N TYR A 14 -6.80 9.31 -22.08
CA TYR A 14 -7.39 10.45 -22.73
C TYR A 14 -6.30 11.13 -23.55
N ARG A 15 -6.71 12.06 -24.39
CA ARG A 15 -5.81 12.87 -25.22
C ARG A 15 -5.87 14.31 -24.77
N SER A 16 -4.74 14.82 -24.23
CA SER A 16 -4.65 16.18 -23.75
C SER A 16 -4.79 17.23 -24.84
N ALA A 17 -4.62 16.83 -26.12
CA ALA A 17 -4.75 17.71 -27.20
C ALA A 17 -6.23 17.97 -27.52
N ASP A 18 -7.15 17.26 -26.84
CA ASP A 18 -8.55 17.61 -26.86
C ASP A 18 -8.76 19.13 -26.81
N GLU A 19 -9.66 19.65 -27.63
CA GLU A 19 -9.85 21.06 -27.73
C GLU A 19 -10.27 21.68 -26.39
N THR A 20 -11.25 21.04 -25.74
CA THR A 20 -11.78 21.57 -24.50
C THR A 20 -10.70 21.58 -23.40
N LEU A 21 -10.00 20.47 -23.24
CA LEU A 21 -8.90 20.40 -22.21
C LEU A 21 -7.86 21.47 -22.52
N SER A 22 -7.56 21.68 -23.80
CA SER A 22 -6.54 22.67 -24.19
C SER A 22 -6.96 24.09 -23.80
N ARG A 23 -8.23 24.40 -24.04
CA ARG A 23 -8.76 25.70 -23.61
C ARG A 23 -8.72 25.84 -22.07
N ASP A 24 -9.05 24.74 -21.39
CA ASP A 24 -9.07 24.75 -19.94
C ASP A 24 -7.65 25.06 -19.42
N ARG A 25 -6.65 24.43 -20.03
CA ARG A 25 -5.27 24.64 -19.56
C ARG A 25 -4.85 26.11 -19.73
N LEU A 26 -5.22 26.72 -20.88
CA LEU A 26 -4.91 28.12 -21.09
C LEU A 26 -5.57 29.01 -20.03
N ARG A 27 -6.83 28.78 -19.72
CA ARG A 27 -7.46 29.54 -18.71
C ARG A 27 -6.74 29.43 -17.35
N ALA A 28 -6.36 28.20 -16.96
CA ALA A 28 -5.64 28.03 -15.69
C ALA A 28 -4.33 28.84 -15.69
N ARG A 29 -3.64 28.80 -16.85
CA ARG A 29 -2.35 29.51 -16.92
C ARG A 29 -2.47 31.02 -16.90
N GLN A 30 -3.61 31.51 -17.42
CA GLN A 30 -3.87 32.92 -17.33
C GLN A 30 -4.08 33.32 -15.88
N LEU A 31 -4.89 32.57 -15.12
CA LEU A 31 -5.09 32.86 -13.73
C LEU A 31 -3.78 32.75 -12.92
N ILE A 32 -2.97 31.73 -13.23
CA ILE A 32 -1.73 31.48 -12.46
C ILE A 32 -0.72 32.60 -12.74
N HIS A 33 -0.72 33.09 -13.99
CA HIS A 33 0.19 34.21 -14.33
C HIS A 33 -0.15 35.45 -13.50
N ARG A 34 -1.46 35.73 -13.40
CA ARG A 34 -1.84 36.83 -12.57
C ARG A 34 -1.46 36.61 -11.10
N TYR A 35 -1.64 35.38 -10.60
CA TYR A 35 -1.33 35.06 -9.22
C TYR A 35 0.16 35.28 -8.90
N ASN A 36 0.99 34.80 -9.81
CA ASN A 36 2.41 34.68 -9.56
C ASN A 36 3.13 36.03 -9.71
N HIS A 37 2.49 36.96 -10.43
CA HIS A 37 3.05 38.31 -10.56
C HIS A 37 2.42 39.27 -9.54
N SER A 38 1.46 38.83 -8.73
CA SER A 38 0.77 39.76 -7.91
C SER A 38 1.76 40.40 -6.92
N LEU A 39 1.50 41.66 -6.57
CA LEU A 39 2.33 42.38 -5.65
C LEU A 39 2.21 41.76 -4.25
N ALA A 40 3.24 41.92 -3.44
CA ALA A 40 3.24 41.30 -2.15
C ALA A 40 1.95 41.63 -1.41
N GLU A 41 1.41 42.85 -1.58
CA GLU A 41 0.29 43.32 -0.70
C GLU A 41 -1.08 42.98 -1.31
N GLU A 42 -1.12 42.40 -2.52
CA GLU A 42 -2.40 42.11 -3.22
C GLU A 42 -2.97 40.78 -2.73
N HIS A 43 -3.22 40.73 -1.42
CA HIS A 43 -3.77 39.57 -0.74
C HIS A 43 -5.16 39.29 -1.32
N THR A 44 -5.99 40.36 -1.43
CA THR A 44 -7.39 40.22 -1.82
C THR A 44 -7.52 39.64 -3.24
N LEU A 45 -6.74 40.17 -4.17
CA LEU A 45 -6.71 39.65 -5.50
C LEU A 45 -6.36 38.14 -5.45
N ARG A 46 -5.35 37.80 -4.66
CA ARG A 46 -4.88 36.38 -4.65
C ARG A 46 -6.02 35.50 -4.16
N GLN A 47 -6.77 35.93 -3.19
CA GLN A 47 -7.91 35.21 -2.69
C GLN A 47 -8.95 35.00 -3.79
N GLN A 48 -9.28 36.04 -4.57
CA GLN A 48 -10.27 35.98 -5.67
C GLN A 48 -9.82 34.98 -6.71
N ILE A 49 -8.53 35.04 -7.05
CA ILE A 49 -8.00 34.14 -8.05
C ILE A 49 -8.15 32.67 -7.63
N LEU A 50 -7.83 32.38 -6.35
CA LEU A 50 -7.98 30.98 -5.91
C LEU A 50 -9.44 30.52 -5.98
N ALA A 51 -10.37 31.43 -5.66
CA ALA A 51 -11.81 31.04 -5.73
C ALA A 51 -12.26 30.83 -7.18
N ASP A 52 -11.67 31.53 -8.13
CA ASP A 52 -11.96 31.32 -9.53
C ASP A 52 -11.29 30.05 -10.07
N LEU A 53 -10.12 29.67 -9.50
CA LEU A 53 -9.30 28.61 -10.07
C LEU A 53 -9.75 27.22 -9.58
N PHE A 54 -9.95 27.12 -8.26
CA PHE A 54 -10.09 25.80 -7.64
C PHE A 54 -11.50 25.21 -7.75
N GLY A 55 -11.60 23.91 -7.68
CA GLY A 55 -12.86 23.21 -7.62
C GLY A 55 -13.58 23.49 -6.33
N GLN A 56 -12.85 23.64 -5.23
CA GLN A 56 -13.41 24.05 -3.93
C GLN A 56 -12.31 24.68 -3.11
N VAL A 57 -12.65 25.80 -2.49
CA VAL A 57 -11.79 26.49 -1.58
C VAL A 57 -12.68 27.31 -0.63
N THR A 58 -12.24 27.43 0.60
CA THR A 58 -12.81 28.37 1.60
C THR A 58 -11.67 29.25 2.06
N GLU A 59 -11.07 28.94 3.18
CA GLU A 59 -9.94 29.72 3.63
C GLU A 59 -8.67 29.05 3.12
N ALA A 60 -7.87 29.81 2.37
CA ALA A 60 -6.63 29.25 1.83
C ALA A 60 -5.62 30.39 1.77
N TYR A 61 -4.38 30.08 2.09
CA TYR A 61 -3.24 30.99 1.97
C TYR A 61 -2.15 30.25 1.19
N ILE A 62 -1.81 30.74 0.00
CA ILE A 62 -0.82 30.07 -0.87
C ILE A 62 0.22 31.10 -1.25
N GLU A 63 1.46 30.92 -0.78
CA GLU A 63 2.56 31.78 -1.18
C GLU A 63 2.87 31.60 -2.65
N PRO A 64 2.99 32.69 -3.45
CA PRO A 64 3.56 32.56 -4.78
C PRO A 64 4.97 32.00 -4.74
N THR A 65 5.35 31.28 -5.82
CA THR A 65 4.52 30.92 -6.93
C THR A 65 3.69 29.68 -6.63
N PHE A 66 2.65 29.50 -7.43
CA PHE A 66 1.87 28.28 -7.45
C PHE A 66 1.72 27.87 -8.91
N ARG A 67 1.65 26.60 -9.20
CA ARG A 67 1.36 26.11 -10.57
C ARG A 67 0.33 24.96 -10.49
N CYS A 68 -0.51 24.84 -11.53
CA CYS A 68 -1.38 23.70 -11.67
C CYS A 68 -1.75 23.52 -13.15
N ASP A 69 -2.49 22.46 -13.46
CA ASP A 69 -2.83 22.18 -14.84
C ASP A 69 -4.20 22.74 -15.20
N TYR A 70 -5.20 22.49 -14.36
CA TYR A 70 -6.63 22.81 -14.66
C TYR A 70 -7.23 23.73 -13.62
N GLY A 71 -6.87 23.58 -12.35
CA GLY A 71 -7.44 24.29 -11.25
C GLY A 71 -8.69 23.62 -10.71
N TYR A 72 -9.63 23.32 -11.61
CA TYR A 72 -10.94 22.87 -11.17
C TYR A 72 -10.92 21.47 -10.57
N ASN A 73 -9.82 20.70 -10.68
CA ASN A 73 -9.69 19.41 -10.11
C ASN A 73 -9.03 19.48 -8.71
N ILE A 74 -8.82 20.66 -8.15
CA ILE A 74 -8.23 20.85 -6.83
C ILE A 74 -9.34 21.25 -5.84
N PHE A 75 -9.50 20.43 -4.80
CA PHE A 75 -10.58 20.59 -3.81
C PHE A 75 -9.94 20.65 -2.45
N LEU A 76 -10.01 21.80 -1.80
CA LEU A 76 -9.34 22.06 -0.51
C LEU A 76 -10.36 22.17 0.59
N GLY A 77 -10.04 21.56 1.71
CA GLY A 77 -10.81 21.73 2.94
C GLY A 77 -10.45 23.03 3.59
N ASN A 78 -10.96 23.23 4.81
CA ASN A 78 -10.86 24.51 5.47
C ASN A 78 -9.41 24.79 5.86
N ASN A 79 -9.08 26.07 6.02
CA ASN A 79 -7.85 26.50 6.66
C ASN A 79 -6.61 25.84 5.99
N PHE A 80 -6.51 25.97 4.69
CA PHE A 80 -5.39 25.41 3.87
C PHE A 80 -4.22 26.39 3.84
N PHE A 81 -2.99 25.86 3.91
CA PHE A 81 -1.78 26.70 3.73
C PHE A 81 -0.82 25.97 2.79
N ALA A 82 -0.23 26.66 1.81
CA ALA A 82 0.86 26.16 1.03
C ALA A 82 1.93 27.24 0.98
N ASN A 83 3.17 26.85 1.25
CA ASN A 83 4.34 27.74 1.21
C ASN A 83 4.82 27.88 -0.24
N PHE A 84 5.98 28.53 -0.36
CA PHE A 84 6.42 28.97 -1.65
C PHE A 84 6.54 27.84 -2.67
N ASP A 85 6.07 28.11 -3.88
CA ASP A 85 6.45 27.37 -5.06
C ASP A 85 6.00 25.90 -5.03
N CYS A 86 4.76 25.71 -4.62
CA CYS A 86 4.16 24.36 -4.73
C CYS A 86 3.54 24.18 -6.13
N VAL A 87 3.38 22.91 -6.50
CA VAL A 87 2.85 22.51 -7.84
C VAL A 87 1.83 21.42 -7.62
N MET A 88 0.68 21.51 -8.28
CA MET A 88 -0.34 20.44 -8.26
C MET A 88 -0.74 20.11 -9.70
N LEU A 89 -0.32 18.97 -10.22
CA LEU A 89 -0.75 18.54 -11.57
C LEU A 89 -2.07 17.79 -11.40
N ASP A 90 -3.17 18.52 -11.61
CA ASP A 90 -4.51 18.06 -11.28
C ASP A 90 -5.25 17.57 -12.54
N VAL A 91 -4.74 16.54 -13.21
CA VAL A 91 -5.55 15.90 -14.28
C VAL A 91 -6.70 15.09 -13.70
N CYS A 92 -6.46 14.42 -12.57
CA CYS A 92 -7.50 13.81 -11.75
C CYS A 92 -7.69 14.63 -10.49
N PRO A 93 -8.79 14.45 -9.75
CA PRO A 93 -9.00 15.18 -8.53
C PRO A 93 -7.88 15.03 -7.50
N ILE A 94 -7.51 16.20 -6.96
CA ILE A 94 -6.64 16.31 -5.76
C ILE A 94 -7.58 16.79 -4.67
N ARG A 95 -7.85 15.92 -3.73
CA ARG A 95 -8.77 16.21 -2.62
C ARG A 95 -7.94 16.31 -1.35
N ILE A 96 -7.98 17.47 -0.71
CA ILE A 96 -7.18 17.75 0.49
C ILE A 96 -8.13 18.16 1.63
N GLY A 97 -7.94 17.54 2.79
CA GLY A 97 -8.78 17.77 3.93
C GLY A 97 -8.51 19.11 4.60
N ASP A 98 -9.02 19.24 5.84
CA ASP A 98 -8.95 20.45 6.60
C ASP A 98 -7.58 20.57 7.27
N ASN A 99 -7.16 21.82 7.50
CA ASN A 99 -5.97 22.13 8.27
C ASN A 99 -4.70 21.49 7.69
N CYS A 100 -4.60 21.50 6.37
CA CYS A 100 -3.37 21.00 5.73
C CYS A 100 -2.32 22.11 5.65
N MET A 101 -1.06 21.68 5.77
CA MET A 101 0.06 22.58 5.63
C MET A 101 1.04 21.98 4.63
N LEU A 102 1.28 22.64 3.50
CA LEU A 102 2.35 22.27 2.59
C LEU A 102 3.52 23.23 2.77
N ALA A 103 4.72 22.67 2.94
CA ALA A 103 5.96 23.39 3.05
C ALA A 103 6.45 23.80 1.67
N PRO A 104 7.56 24.57 1.52
CA PRO A 104 7.93 25.05 0.20
C PRO A 104 8.16 23.87 -0.76
N GLY A 105 7.78 24.06 -2.02
CA GLY A 105 8.18 23.20 -3.08
C GLY A 105 7.52 21.83 -3.04
N VAL A 106 6.43 21.63 -2.32
CA VAL A 106 5.72 20.39 -2.38
C VAL A 106 5.11 20.22 -3.77
N HIS A 107 5.30 19.02 -4.36
CA HIS A 107 4.66 18.71 -5.63
C HIS A 107 3.65 17.59 -5.39
N ILE A 108 2.45 17.74 -5.94
CA ILE A 108 1.46 16.68 -5.93
C ILE A 108 1.12 16.39 -7.37
N TYR A 109 1.31 15.15 -7.78
CA TYR A 109 1.04 14.74 -9.17
C TYR A 109 -0.11 13.76 -9.21
N THR A 110 -1.04 14.02 -10.13
CA THR A 110 -2.05 13.00 -10.56
C THR A 110 -1.75 12.55 -11.99
N ALA A 111 -0.97 13.30 -12.73
CA ALA A 111 -0.73 13.03 -14.13
C ALA A 111 0.29 11.90 -14.23
N THR A 112 0.07 11.04 -15.21
CA THR A 112 1.09 10.05 -15.53
C THR A 112 1.01 9.74 -17.03
N HIS A 113 2.02 8.99 -17.47
CA HIS A 113 2.11 8.54 -18.84
C HIS A 113 2.24 7.03 -18.83
N PRO A 114 1.87 6.38 -19.94
CA PRO A 114 2.24 4.97 -20.14
C PRO A 114 3.76 4.79 -20.05
N ILE A 115 4.18 3.73 -19.39
CA ILE A 115 5.56 3.27 -19.34
C ILE A 115 6.05 2.81 -20.73
N ASP A 116 5.16 2.26 -21.57
CA ASP A 116 5.56 1.81 -22.92
C ASP A 116 5.81 3.03 -23.81
N PRO A 117 6.97 3.10 -24.52
CA PRO A 117 7.32 4.29 -25.30
C PRO A 117 6.35 4.60 -26.44
N VAL A 118 5.83 3.56 -27.11
CA VAL A 118 4.97 3.80 -28.24
C VAL A 118 3.64 4.40 -27.74
N ALA A 119 3.10 3.77 -26.69
CA ALA A 119 1.89 4.23 -26.02
C ALA A 119 2.09 5.66 -25.57
N ARG A 120 3.25 5.92 -24.95
CA ARG A 120 3.50 7.23 -24.41
C ARG A 120 3.56 8.30 -25.52
N ASN A 121 4.20 7.99 -26.64
CA ASN A 121 4.37 8.94 -27.74
C ASN A 121 3.10 9.10 -28.58
N SER A 122 2.10 8.27 -28.31
CA SER A 122 0.81 8.19 -29.05
C SER A 122 -0.06 9.44 -28.82
N GLY A 123 0.22 10.20 -27.75
CA GLY A 123 -0.63 11.32 -27.33
C GLY A 123 -1.65 10.92 -26.29
N ALA A 124 -1.68 9.62 -25.95
CA ALA A 124 -2.58 9.12 -24.92
C ALA A 124 -1.87 9.27 -23.56
N GLU A 125 -2.61 9.76 -22.56
CA GLU A 125 -2.04 9.78 -21.20
C GLU A 125 -3.15 9.51 -20.21
N LEU A 126 -2.82 9.53 -18.92
CA LEU A 126 -3.83 9.24 -17.96
C LEU A 126 -3.38 9.82 -16.62
N GLY A 127 -4.17 9.56 -15.62
CA GLY A 127 -3.96 10.12 -14.30
C GLY A 127 -4.52 9.18 -13.27
N LYS A 128 -4.18 9.41 -12.01
CA LYS A 128 -4.76 8.71 -10.91
C LYS A 128 -4.94 9.72 -9.78
N PRO A 129 -6.11 9.77 -9.13
CA PRO A 129 -6.41 10.82 -8.15
C PRO A 129 -5.52 10.71 -6.92
N VAL A 130 -5.42 11.81 -6.20
CA VAL A 130 -4.73 11.89 -4.92
C VAL A 130 -5.70 12.41 -3.88
N THR A 131 -5.74 11.74 -2.74
CA THR A 131 -6.59 12.16 -1.63
C THR A 131 -5.73 12.25 -0.38
N ILE A 132 -5.84 13.38 0.30
CA ILE A 132 -5.11 13.70 1.51
C ILE A 132 -6.13 14.06 2.61
N GLY A 133 -5.91 13.50 3.79
CA GLY A 133 -6.90 13.65 4.86
C GLY A 133 -6.74 14.97 5.58
N ASN A 134 -7.25 14.98 6.83
CA ASN A 134 -7.28 16.16 7.68
C ASN A 134 -6.00 16.23 8.52
N ASN A 135 -5.56 17.45 8.81
CA ASN A 135 -4.44 17.72 9.72
C ASN A 135 -3.14 17.06 9.20
N VAL A 136 -2.86 17.20 7.90
CA VAL A 136 -1.68 16.65 7.28
C VAL A 136 -0.66 17.79 7.07
N TRP A 137 0.56 17.52 7.47
CA TRP A 137 1.69 18.40 7.26
C TRP A 137 2.68 17.73 6.32
N ILE A 138 2.87 18.33 5.13
CA ILE A 138 3.79 17.80 4.12
C ILE A 138 5.01 18.72 4.04
N GLY A 139 6.14 18.12 4.40
CA GLY A 139 7.38 18.83 4.50
C GLY A 139 7.97 19.22 3.16
N GLY A 140 8.98 20.08 3.27
CA GLY A 140 9.43 20.78 2.08
C GLY A 140 10.02 19.88 1.06
N ARG A 141 9.78 20.22 -0.20
CA ARG A 141 10.31 19.44 -1.32
C ARG A 141 9.77 18.02 -1.48
N ALA A 142 8.75 17.65 -0.71
CA ALA A 142 8.18 16.29 -0.82
C ALA A 142 7.47 16.15 -2.17
N VAL A 143 7.33 14.93 -2.64
CA VAL A 143 6.62 14.56 -3.83
C VAL A 143 5.52 13.56 -3.48
N ILE A 144 4.28 13.86 -3.87
CA ILE A 144 3.16 12.95 -3.67
C ILE A 144 2.73 12.43 -5.03
N ASN A 145 2.85 11.12 -5.26
CA ASN A 145 2.67 10.56 -6.58
C ASN A 145 1.22 10.22 -6.87
N PRO A 146 0.89 9.98 -8.16
CA PRO A 146 -0.49 9.66 -8.54
C PRO A 146 -1.05 8.41 -7.85
N GLY A 147 -2.32 8.50 -7.48
CA GLY A 147 -3.02 7.35 -6.93
C GLY A 147 -2.79 7.15 -5.45
N VAL A 148 -2.04 8.01 -4.78
CA VAL A 148 -1.77 7.91 -3.36
C VAL A 148 -2.93 8.48 -2.54
N THR A 149 -3.30 7.76 -1.47
CA THR A 149 -4.13 8.29 -0.42
C THR A 149 -3.31 8.44 0.85
N ILE A 150 -3.36 9.61 1.48
CA ILE A 150 -2.74 9.92 2.74
C ILE A 150 -3.85 10.11 3.76
N GLY A 151 -3.70 9.43 4.90
CA GLY A 151 -4.70 9.50 5.95
C GLY A 151 -4.63 10.77 6.77
N ASP A 152 -5.32 10.75 7.92
CA ASP A 152 -5.38 11.88 8.81
C ASP A 152 -4.18 11.94 9.74
N ASN A 153 -3.77 13.16 10.10
CA ASN A 153 -2.75 13.41 11.11
C ASN A 153 -1.39 12.85 10.70
N VAL A 154 -1.10 12.87 9.40
CA VAL A 154 0.15 12.40 8.89
C VAL A 154 1.14 13.57 8.78
N VAL A 155 2.37 13.24 9.08
CA VAL A 155 3.55 14.08 8.77
C VAL A 155 4.34 13.38 7.67
N VAL A 156 4.54 14.10 6.55
CA VAL A 156 5.47 13.71 5.51
C VAL A 156 6.75 14.50 5.67
N ALA A 157 7.87 13.84 5.93
CA ALA A 157 9.16 14.47 6.17
C ALA A 157 9.59 15.22 4.91
N SER A 158 10.40 16.25 5.10
CA SER A 158 10.98 16.99 3.95
C SER A 158 11.70 16.01 3.01
N GLY A 159 11.56 16.26 1.71
CA GLY A 159 12.18 15.50 0.69
C GLY A 159 11.65 14.10 0.48
N ALA A 160 10.56 13.75 1.17
CA ALA A 160 10.04 12.35 1.01
C ALA A 160 9.43 12.19 -0.38
N VAL A 161 9.53 11.01 -0.96
CA VAL A 161 8.90 10.69 -2.22
C VAL A 161 7.87 9.62 -1.94
N VAL A 162 6.59 9.97 -1.94
CA VAL A 162 5.53 9.13 -1.45
C VAL A 162 4.95 8.38 -2.64
N THR A 163 5.14 7.06 -2.68
CA THR A 163 4.81 6.23 -3.80
C THR A 163 3.62 5.31 -3.54
N LYS A 164 3.22 5.21 -2.28
CA LYS A 164 2.16 4.28 -1.86
C LYS A 164 1.33 4.99 -0.79
N ASP A 165 0.16 4.42 -0.45
CA ASP A 165 -0.71 5.00 0.52
C ASP A 165 -0.02 5.16 1.87
N VAL A 166 -0.47 6.16 2.63
CA VAL A 166 0.03 6.42 3.92
C VAL A 166 -1.14 6.36 4.90
N PRO A 167 -1.07 5.51 5.95
CA PRO A 167 -2.22 5.39 6.85
C PRO A 167 -2.22 6.54 7.86
N ASP A 168 -3.26 6.59 8.67
CA ASP A 168 -3.40 7.63 9.65
C ASP A 168 -2.26 7.61 10.65
N ASN A 169 -1.91 8.78 11.18
CA ASN A 169 -1.19 8.88 12.46
C ASN A 169 0.22 8.32 12.37
N VAL A 170 0.93 8.60 11.26
CA VAL A 170 2.29 8.18 11.07
C VAL A 170 3.13 9.33 10.54
N VAL A 171 4.43 9.20 10.71
CA VAL A 171 5.46 10.01 10.00
C VAL A 171 6.07 9.13 8.93
N VAL A 172 6.17 9.65 7.70
CA VAL A 172 6.84 8.93 6.63
C VAL A 172 7.99 9.79 6.11
N GLY A 173 9.08 9.12 5.71
CA GLY A 173 10.25 9.78 5.14
C GLY A 173 11.04 8.87 4.24
N GLY A 174 11.88 9.45 3.39
CA GLY A 174 12.74 8.71 2.49
C GLY A 174 12.25 8.67 1.06
N ASN A 175 12.97 7.94 0.22
CA ASN A 175 12.68 7.81 -1.17
C ASN A 175 13.02 6.38 -1.59
N PRO A 176 12.03 5.49 -1.78
CA PRO A 176 10.61 5.66 -1.54
C PRO A 176 10.30 5.85 -0.05
N ALA A 177 9.31 6.67 0.28
CA ALA A 177 8.97 6.92 1.63
C ALA A 177 8.56 5.62 2.30
N ARG A 178 8.86 5.57 3.57
CA ARG A 178 8.46 4.50 4.49
C ARG A 178 8.09 5.09 5.87
N ILE A 179 7.34 4.36 6.66
CA ILE A 179 7.02 4.81 7.97
C ILE A 179 8.26 4.91 8.86
N ILE A 180 8.48 6.04 9.51
CA ILE A 180 9.66 6.22 10.35
C ILE A 180 9.24 6.45 11.79
N LYS A 181 7.97 6.70 12.06
CA LYS A 181 7.48 6.90 13.43
C LYS A 181 5.97 6.80 13.46
N LYS A 182 5.42 6.18 14.51
CA LYS A 182 3.98 6.13 14.73
C LYS A 182 3.66 7.22 15.74
N LEU A 183 2.57 7.93 15.54
CA LEU A 183 2.17 8.97 16.48
C LEU A 183 1.24 8.35 17.54
N SER B 2 24.89 -16.63 -3.50
CA SER B 2 23.92 -17.36 -2.65
C SER B 2 23.50 -18.67 -3.29
N THR B 3 23.25 -19.61 -2.41
CA THR B 3 22.67 -20.88 -2.78
C THR B 3 21.19 -20.72 -3.12
N GLU B 4 20.63 -21.78 -3.71
CA GLU B 4 19.21 -21.73 -4.06
C GLU B 4 18.40 -21.52 -2.78
N LYS B 5 18.75 -22.18 -1.70
CA LYS B 5 18.03 -22.05 -0.45
C LYS B 5 18.10 -20.60 0.05
N GLU B 6 19.30 -19.98 0.03
CA GLU B 6 19.45 -18.67 0.59
C GLU B 6 18.67 -17.70 -0.29
N LYS B 7 18.68 -17.88 -1.59
CA LYS B 7 17.95 -17.07 -2.50
C LYS B 7 16.46 -17.18 -2.17
N MET B 8 15.97 -18.42 -1.99
CA MET B 8 14.55 -18.61 -1.70
C MET B 8 14.16 -17.75 -0.49
N ILE B 9 14.87 -17.93 0.61
CA ILE B 9 14.53 -17.24 1.85
C ILE B 9 14.59 -15.72 1.66
N ALA B 10 15.58 -15.21 0.89
CA ALA B 10 15.73 -13.77 0.65
C ALA B 10 14.75 -13.19 -0.34
N GLY B 11 13.88 -13.99 -0.98
CA GLY B 11 12.94 -13.43 -1.91
C GLY B 11 13.55 -13.15 -3.29
N GLU B 12 14.60 -13.91 -3.58
CA GLU B 12 15.26 -13.87 -4.96
C GLU B 12 14.77 -15.08 -5.76
N LEU B 13 14.91 -15.04 -7.09
CA LEU B 13 14.58 -16.15 -7.92
C LEU B 13 15.42 -17.36 -7.50
N TYR B 14 14.81 -18.54 -7.46
CA TYR B 14 15.46 -19.76 -7.03
C TYR B 14 14.78 -20.94 -7.72
N ARG B 15 15.41 -22.10 -7.65
CA ARG B 15 14.90 -23.33 -8.20
C ARG B 15 14.54 -24.30 -7.10
N SER B 16 13.23 -24.61 -6.99
CA SER B 16 12.73 -25.48 -5.95
C SER B 16 13.23 -26.94 -6.09
N ALA B 17 13.70 -27.30 -7.30
CA ALA B 17 14.18 -28.62 -7.50
C ALA B 17 15.59 -28.79 -6.91
N ASP B 18 16.17 -27.72 -6.37
CA ASP B 18 17.37 -27.80 -5.55
C ASP B 18 17.31 -28.99 -4.60
N GLU B 19 18.40 -29.77 -4.48
CA GLU B 19 18.39 -30.99 -3.71
C GLU B 19 18.08 -30.70 -2.23
N THR B 20 18.74 -29.68 -1.67
CA THR B 20 18.54 -29.36 -0.26
C THR B 20 17.06 -28.93 0.00
N LEU B 21 16.55 -28.03 -0.81
CA LEU B 21 15.13 -27.58 -0.63
C LEU B 21 14.20 -28.79 -0.76
N SER B 22 14.52 -29.68 -1.67
CA SER B 22 13.68 -30.88 -1.90
C SER B 22 13.65 -31.76 -0.66
N ARG B 23 14.81 -31.98 -0.04
CA ARG B 23 14.88 -32.76 1.18
C ARG B 23 14.14 -32.04 2.32
N ASP B 24 14.25 -30.72 2.34
CA ASP B 24 13.59 -29.96 3.37
C ASP B 24 12.07 -30.13 3.23
N ARG B 25 11.55 -30.05 2.01
CA ARG B 25 10.09 -30.18 1.84
C ARG B 25 9.60 -31.56 2.30
N LEU B 26 10.38 -32.63 1.99
CA LEU B 26 10.00 -33.95 2.43
C LEU B 26 9.94 -34.03 3.95
N ARG B 27 10.92 -33.48 4.65
CA ARG B 27 10.90 -33.50 6.06
C ARG B 27 9.67 -32.78 6.65
N ALA B 28 9.33 -31.62 6.10
CA ALA B 28 8.12 -30.90 6.55
C ALA B 28 6.86 -31.76 6.35
N ARG B 29 6.80 -32.45 5.20
CA ARG B 29 5.60 -33.26 4.92
C ARG B 29 5.47 -34.49 5.80
N GLN B 30 6.64 -35.02 6.23
CA GLN B 30 6.64 -36.11 7.19
C GLN B 30 6.09 -35.63 8.54
N LEU B 31 6.54 -34.47 9.04
CA LEU B 31 6.03 -33.92 10.28
C LEU B 31 4.53 -33.61 10.18
N ILE B 32 4.11 -33.04 9.06
CA ILE B 32 2.72 -32.62 8.88
C ILE B 32 1.82 -33.86 8.77
N HIS B 33 2.33 -34.92 8.15
CA HIS B 33 1.54 -36.14 8.09
C HIS B 33 1.27 -36.68 9.50
N ARG B 34 2.33 -36.66 10.33
CA ARG B 34 2.09 -37.09 11.68
C ARG B 34 1.10 -36.18 12.41
N TYR B 35 1.21 -34.86 12.23
CA TYR B 35 0.35 -33.92 12.88
C TYR B 35 -1.12 -34.15 12.52
N ASN B 36 -1.34 -34.35 11.23
CA ASN B 36 -2.70 -34.35 10.67
C ASN B 36 -3.42 -35.65 10.99
N HIS B 37 -2.68 -36.71 11.31
CA HIS B 37 -3.30 -38.02 11.61
C HIS B 37 -3.39 -38.19 13.13
N SER B 38 -2.90 -37.24 13.91
CA SER B 38 -2.79 -37.45 15.33
C SER B 38 -4.22 -37.56 15.91
N LEU B 39 -4.34 -38.40 16.94
CA LEU B 39 -5.63 -38.64 17.57
C LEU B 39 -6.06 -37.37 18.28
N ALA B 40 -7.37 -37.17 18.46
CA ALA B 40 -7.85 -35.96 19.04
C ALA B 40 -7.13 -35.71 20.38
N GLU B 41 -6.74 -36.78 21.09
CA GLU B 41 -6.23 -36.68 22.48
C GLU B 41 -4.74 -36.33 22.51
N GLU B 42 -4.03 -36.51 21.39
CA GLU B 42 -2.55 -36.42 21.37
C GLU B 42 -2.12 -34.95 21.29
N HIS B 43 -2.48 -34.19 22.30
CA HIS B 43 -2.14 -32.77 22.38
C HIS B 43 -0.62 -32.63 22.51
N THR B 44 -0.02 -33.45 23.37
CA THR B 44 1.41 -33.34 23.70
C THR B 44 2.27 -33.60 22.44
N LEU B 45 1.95 -34.65 21.70
CA LEU B 45 2.62 -34.93 20.48
C LEU B 45 2.54 -33.71 19.55
N ARG B 46 1.32 -33.16 19.44
CA ARG B 46 1.12 -32.05 18.47
C ARG B 46 2.02 -30.88 18.86
N GLN B 47 2.18 -30.61 20.17
CA GLN B 47 3.03 -29.56 20.61
C GLN B 47 4.49 -29.82 20.23
N GLN B 48 4.95 -31.09 20.37
CA GLN B 48 6.35 -31.48 20.04
C GLN B 48 6.60 -31.25 18.56
N ILE B 49 5.62 -31.69 17.75
CA ILE B 49 5.74 -31.56 16.31
C ILE B 49 5.90 -30.08 15.91
N LEU B 50 5.06 -29.21 16.49
CA LEU B 50 5.19 -27.77 16.14
C LEU B 50 6.55 -27.22 16.51
N ALA B 51 7.10 -27.69 17.64
CA ALA B 51 8.44 -27.20 18.07
C ALA B 51 9.55 -27.72 17.15
N ASP B 52 9.36 -28.88 16.54
CA ASP B 52 10.30 -29.42 15.59
C ASP B 52 10.16 -28.74 14.23
N LEU B 53 8.93 -28.30 13.87
CA LEU B 53 8.61 -27.83 12.53
C LEU B 53 9.00 -26.37 12.33
N PHE B 54 8.58 -25.54 13.29
CA PHE B 54 8.62 -24.08 13.09
C PHE B 54 9.99 -23.45 13.38
N GLY B 55 10.22 -22.31 12.76
CA GLY B 55 11.39 -21.50 13.03
C GLY B 55 11.39 -20.94 14.42
N GLN B 56 10.23 -20.57 14.93
CA GLN B 56 10.05 -20.22 16.30
C GLN B 56 8.61 -20.42 16.72
N VAL B 57 8.45 -20.94 17.91
CA VAL B 57 7.16 -21.14 18.53
C VAL B 57 7.39 -21.19 20.06
N THR B 58 6.41 -20.69 20.79
CA THR B 58 6.32 -20.88 22.24
C THR B 58 4.98 -21.54 22.53
N GLU B 59 3.97 -20.78 22.90
CA GLU B 59 2.65 -21.34 23.10
C GLU B 59 1.89 -21.23 21.77
N ALA B 60 1.43 -22.37 21.26
CA ALA B 60 0.66 -22.37 20.03
C ALA B 60 -0.37 -23.51 20.12
N TYR B 61 -1.56 -23.27 19.59
CA TYR B 61 -2.61 -24.29 19.49
C TYR B 61 -3.09 -24.24 18.04
N ILE B 62 -2.89 -25.32 17.31
CA ILE B 62 -3.27 -25.37 15.89
C ILE B 62 -4.17 -26.59 15.67
N GLU B 63 -5.42 -26.35 15.32
CA GLU B 63 -6.33 -27.44 14.99
C GLU B 63 -5.89 -28.12 13.70
N PRO B 64 -5.77 -29.46 13.68
CA PRO B 64 -5.61 -30.13 12.40
C PRO B 64 -6.79 -29.88 11.48
N THR B 65 -6.53 -29.92 10.15
CA THR B 65 -5.23 -30.09 9.56
C THR B 65 -4.47 -28.77 9.49
N PHE B 66 -3.16 -28.92 9.31
CA PHE B 66 -2.29 -27.82 9.01
C PHE B 66 -1.43 -28.24 7.82
N ARG B 67 -1.01 -27.30 7.00
CA ARG B 67 -0.04 -27.57 5.93
C ARG B 67 0.94 -26.41 5.79
N CYS B 68 2.19 -26.76 5.41
CA CYS B 68 3.17 -25.76 5.10
C CYS B 68 4.18 -26.34 4.10
N ASP B 69 5.14 -25.53 3.69
CA ASP B 69 6.12 -25.98 2.73
C ASP B 69 7.41 -26.44 3.40
N TYR B 70 7.93 -25.62 4.32
CA TYR B 70 9.26 -25.86 4.94
C TYR B 70 9.19 -25.98 6.46
N GLY B 71 8.30 -25.22 7.10
CA GLY B 71 8.19 -25.14 8.54
C GLY B 71 9.12 -24.11 9.15
N TYR B 72 10.40 -24.20 8.75
CA TYR B 72 11.43 -23.39 9.42
C TYR B 72 11.32 -21.91 9.12
N ASN B 73 10.53 -21.51 8.12
CA ASN B 73 10.33 -20.12 7.79
C ASN B 73 9.08 -19.53 8.47
N ILE B 74 8.49 -20.26 9.40
CA ILE B 74 7.32 -19.80 10.16
C ILE B 74 7.76 -19.43 11.59
N PHE B 75 7.54 -18.17 11.97
CA PHE B 75 8.01 -17.61 13.23
C PHE B 75 6.81 -17.04 13.95
N LEU B 76 6.40 -17.64 15.06
CA LEU B 76 5.19 -17.26 15.78
C LEU B 76 5.54 -16.61 17.09
N GLY B 77 4.81 -15.55 17.41
CA GLY B 77 4.92 -14.93 18.72
C GLY B 77 4.11 -15.73 19.71
N ASN B 78 3.93 -15.16 20.91
CA ASN B 78 3.35 -15.88 22.02
C ASN B 78 1.88 -16.14 21.76
N ASN B 79 1.31 -17.14 22.42
CA ASN B 79 -0.11 -17.35 22.52
C ASN B 79 -0.79 -17.33 21.13
N PHE B 80 -0.28 -18.17 20.23
CA PHE B 80 -0.79 -18.28 18.83
C PHE B 80 -1.92 -19.30 18.79
N PHE B 81 -2.96 -19.00 18.00
CA PHE B 81 -4.06 -19.96 17.76
C PHE B 81 -4.35 -20.00 16.27
N ALA B 82 -4.49 -21.17 15.68
CA ALA B 82 -5.05 -21.32 14.34
C ALA B 82 -6.12 -22.41 14.39
N ASN B 83 -7.26 -22.11 13.76
CA ASN B 83 -8.39 -23.06 13.68
C ASN B 83 -8.16 -24.03 12.50
N PHE B 84 -9.21 -24.82 12.23
CA PHE B 84 -9.08 -25.94 11.35
C PHE B 84 -8.53 -25.56 9.99
N ASP B 85 -7.59 -26.37 9.50
CA ASP B 85 -7.26 -26.44 8.09
C ASP B 85 -6.69 -25.12 7.53
N CYS B 86 -5.76 -24.55 8.27
CA CYS B 86 -5.01 -23.41 7.75
C CYS B 86 -3.79 -23.92 6.98
N VAL B 87 -3.28 -23.05 6.12
CA VAL B 87 -2.14 -23.35 5.20
C VAL B 87 -1.17 -22.17 5.25
N MET B 88 0.11 -22.42 5.34
CA MET B 88 1.15 -21.37 5.27
C MET B 88 2.22 -21.80 4.28
N LEU B 89 2.26 -21.20 3.10
CA LEU B 89 3.34 -21.52 2.13
C LEU B 89 4.51 -20.61 2.44
N ASP B 90 5.46 -21.16 3.18
CA ASP B 90 6.56 -20.40 3.79
C ASP B 90 7.87 -20.58 3.01
N VAL B 91 7.88 -20.16 1.74
CA VAL B 91 9.16 -20.04 0.96
C VAL B 91 10.00 -18.90 1.52
N CYS B 92 9.36 -17.79 1.88
CA CYS B 92 10.00 -16.72 2.59
C CYS B 92 9.48 -16.70 4.01
N PRO B 93 10.10 -15.98 4.94
CA PRO B 93 9.61 -15.92 6.30
C PRO B 93 8.18 -15.38 6.39
N ILE B 94 7.44 -16.11 7.23
CA ILE B 94 6.12 -15.67 7.74
C ILE B 94 6.34 -15.37 9.20
N ARG B 95 6.27 -14.10 9.53
CA ARG B 95 6.52 -13.61 10.90
C ARG B 95 5.21 -13.12 11.49
N ILE B 96 4.75 -13.75 12.56
CA ILE B 96 3.45 -13.43 13.18
C ILE B 96 3.72 -13.02 14.64
N GLY B 97 3.09 -11.93 15.06
CA GLY B 97 3.28 -11.40 16.39
C GLY B 97 2.51 -12.20 17.43
N ASP B 98 2.34 -11.58 18.62
CA ASP B 98 1.76 -12.19 19.76
C ASP B 98 0.25 -12.13 19.64
N ASN B 99 -0.42 -13.10 20.28
CA ASN B 99 -1.84 -13.12 20.45
C ASN B 99 -2.59 -13.10 19.10
N CYS B 100 -2.08 -13.81 18.13
CA CYS B 100 -2.77 -13.92 16.83
C CYS B 100 -3.82 -15.03 16.88
N MET B 101 -4.92 -14.78 16.17
CA MET B 101 -5.97 -15.77 16.00
C MET B 101 -6.30 -15.93 14.54
N LEU B 102 -6.07 -17.15 14.00
CA LEU B 102 -6.51 -17.47 12.65
C LEU B 102 -7.75 -18.34 12.75
N ALA B 103 -8.78 -17.98 12.01
CA ALA B 103 -10.02 -18.71 11.90
C ALA B 103 -9.86 -19.87 10.94
N PRO B 104 -10.90 -20.71 10.72
CA PRO B 104 -10.68 -21.88 9.85
C PRO B 104 -10.28 -21.45 8.45
N GLY B 105 -9.39 -22.24 7.85
CA GLY B 105 -9.09 -22.15 6.45
C GLY B 105 -8.37 -20.88 6.05
N VAL B 106 -7.72 -20.17 6.96
CA VAL B 106 -6.87 -19.08 6.57
C VAL B 106 -5.66 -19.60 5.79
N HIS B 107 -5.39 -18.95 4.65
CA HIS B 107 -4.17 -19.26 3.87
C HIS B 107 -3.24 -18.05 3.90
N ILE B 108 -1.96 -18.30 4.17
CA ILE B 108 -0.95 -17.27 4.07
C ILE B 108 0.07 -17.78 3.07
N TYR B 109 0.26 -16.99 2.02
CA TYR B 109 1.20 -17.34 0.94
C TYR B 109 2.36 -16.37 0.92
N THR B 110 3.56 -16.94 0.83
CA THR B 110 4.78 -16.19 0.46
C THR B 110 5.26 -16.60 -0.91
N ALA B 111 4.82 -17.75 -1.41
CA ALA B 111 5.31 -18.26 -2.66
C ALA B 111 4.63 -17.54 -3.80
N THR B 112 5.38 -17.33 -4.87
CA THR B 112 4.80 -16.85 -6.08
C THR B 112 5.61 -17.39 -7.26
N HIS B 113 5.04 -17.14 -8.44
CA HIS B 113 5.66 -17.50 -9.70
C HIS B 113 5.76 -16.24 -10.56
N PRO B 114 6.70 -16.22 -11.52
CA PRO B 114 6.68 -15.22 -12.58
C PRO B 114 5.35 -15.25 -13.36
N ILE B 115 4.82 -14.06 -13.64
CA ILE B 115 3.62 -13.91 -14.47
C ILE B 115 3.92 -14.32 -15.93
N ASP B 116 5.17 -14.16 -16.41
CA ASP B 116 5.52 -14.56 -17.78
C ASP B 116 5.55 -16.08 -17.89
N PRO B 117 4.85 -16.70 -18.88
CA PRO B 117 4.75 -18.15 -18.95
C PRO B 117 6.08 -18.90 -19.13
N VAL B 118 7.00 -18.31 -19.91
CA VAL B 118 8.25 -18.96 -20.19
C VAL B 118 9.09 -19.01 -18.92
N ALA B 119 9.17 -17.85 -18.24
CA ALA B 119 9.87 -17.73 -16.97
C ALA B 119 9.26 -18.72 -15.96
N ARG B 120 7.93 -18.76 -15.93
CA ARG B 120 7.26 -19.59 -14.96
C ARG B 120 7.54 -21.08 -15.20
N ASN B 121 7.55 -21.49 -16.47
CA ASN B 121 7.81 -22.88 -16.83
C ASN B 121 9.28 -23.28 -16.73
N SER B 122 10.16 -22.29 -16.54
CA SER B 122 11.63 -22.46 -16.48
C SER B 122 12.08 -23.28 -15.27
N GLY B 123 11.21 -23.38 -14.24
CA GLY B 123 11.61 -23.96 -12.94
C GLY B 123 12.04 -22.90 -11.94
N ALA B 124 12.11 -21.64 -12.40
CA ALA B 124 12.49 -20.50 -11.55
C ALA B 124 11.24 -20.04 -10.81
N GLU B 125 11.36 -19.80 -9.51
CA GLU B 125 10.22 -19.19 -8.80
C GLU B 125 10.75 -18.29 -7.71
N LEU B 126 9.84 -17.66 -6.96
CA LEU B 126 10.32 -16.77 -5.95
C LEU B 126 9.24 -16.61 -4.89
N GLY B 127 9.51 -15.73 -3.95
CA GLY B 127 8.61 -15.50 -2.83
C GLY B 127 8.79 -14.08 -2.34
N LYS B 128 7.88 -13.65 -1.49
CA LYS B 128 7.95 -12.37 -0.82
C LYS B 128 7.44 -12.61 0.60
N PRO B 129 8.15 -12.14 1.61
CA PRO B 129 7.80 -12.44 3.00
C PRO B 129 6.47 -11.80 3.42
N VAL B 130 5.89 -12.36 4.47
CA VAL B 130 4.67 -11.84 5.11
C VAL B 130 4.97 -11.58 6.56
N THR B 131 4.55 -10.42 7.04
CA THR B 131 4.72 -10.01 8.42
C THR B 131 3.37 -9.54 8.95
N ILE B 132 2.98 -10.13 10.08
CA ILE B 132 1.75 -9.86 10.76
C ILE B 132 2.09 -9.42 12.20
N GLY B 133 1.45 -8.34 12.63
CA GLY B 133 1.78 -7.75 13.93
C GLY B 133 1.12 -8.47 15.08
N ASN B 134 0.98 -7.73 16.19
CA ASN B 134 0.42 -8.28 17.44
C ASN B 134 -1.09 -8.08 17.48
N ASN B 135 -1.78 -9.00 18.15
CA ASN B 135 -3.22 -8.90 18.39
C ASN B 135 -4.02 -8.82 17.08
N VAL B 136 -3.65 -9.68 16.10
CA VAL B 136 -4.34 -9.72 14.82
C VAL B 136 -5.29 -10.93 14.82
N TRP B 137 -6.51 -10.66 14.40
CA TRP B 137 -7.54 -11.69 14.19
C TRP B 137 -7.86 -11.79 12.72
N ILE B 138 -7.58 -12.95 12.13
CA ILE B 138 -7.81 -13.16 10.71
C ILE B 138 -9.00 -14.10 10.56
N GLY B 139 -10.07 -13.61 9.95
CA GLY B 139 -11.30 -14.33 9.82
C GLY B 139 -11.26 -15.47 8.82
N GLY B 140 -12.32 -16.26 8.86
CA GLY B 140 -12.26 -17.52 8.20
C GLY B 140 -12.17 -17.41 6.71
N ARG B 141 -11.35 -18.29 6.11
CA ARG B 141 -11.20 -18.41 4.71
C ARG B 141 -10.56 -17.17 4.08
N ALA B 142 -9.91 -16.34 4.88
CA ALA B 142 -9.15 -15.20 4.33
C ALA B 142 -7.88 -15.69 3.65
N VAL B 143 -7.36 -14.90 2.73
CA VAL B 143 -6.14 -15.13 2.01
C VAL B 143 -5.21 -13.96 2.25
N ILE B 144 -3.98 -14.23 2.70
CA ILE B 144 -2.95 -13.20 2.86
C ILE B 144 -1.88 -13.43 1.81
N ASN B 145 -1.66 -12.47 0.91
CA ASN B 145 -0.82 -12.69 -0.24
C ASN B 145 0.64 -12.36 0.04
N PRO B 146 1.56 -12.82 -0.83
CA PRO B 146 2.97 -12.54 -0.64
C PRO B 146 3.31 -11.04 -0.53
N GLY B 147 4.25 -10.72 0.36
CA GLY B 147 4.79 -9.39 0.44
C GLY B 147 3.94 -8.46 1.28
N VAL B 148 2.83 -8.95 1.85
CA VAL B 148 1.97 -8.13 2.65
C VAL B 148 2.52 -7.99 4.09
N THR B 149 2.41 -6.77 4.64
CA THR B 149 2.59 -6.52 6.05
C THR B 149 1.27 -6.08 6.65
N ILE B 150 0.87 -6.74 7.75
CA ILE B 150 -0.31 -6.36 8.52
C ILE B 150 0.15 -5.83 9.86
N GLY B 151 -0.42 -4.68 10.24
CA GLY B 151 -0.02 -4.06 11.47
C GLY B 151 -0.65 -4.66 12.70
N ASP B 152 -0.62 -3.92 13.79
CA ASP B 152 -1.13 -4.40 15.05
C ASP B 152 -2.61 -4.12 15.20
N ASN B 153 -3.32 -5.00 15.94
CA ASN B 153 -4.71 -4.80 16.31
C ASN B 153 -5.63 -4.76 15.09
N VAL B 154 -5.29 -5.51 14.05
CA VAL B 154 -6.08 -5.57 12.85
C VAL B 154 -7.06 -6.75 12.91
N VAL B 155 -8.24 -6.51 12.36
CA VAL B 155 -9.22 -7.54 12.05
C VAL B 155 -9.32 -7.66 10.55
N VAL B 156 -9.09 -8.89 10.04
CA VAL B 156 -9.33 -9.24 8.67
C VAL B 156 -10.66 -9.98 8.61
N ALA B 157 -11.65 -9.47 7.93
CA ALA B 157 -12.97 -10.08 7.81
C ALA B 157 -12.87 -11.45 7.15
N SER B 158 -13.82 -12.33 7.46
CA SER B 158 -13.87 -13.62 6.78
C SER B 158 -13.94 -13.41 5.26
N GLY B 159 -13.25 -14.29 4.54
CA GLY B 159 -13.24 -14.29 3.14
C GLY B 159 -12.46 -13.17 2.47
N ALA B 160 -11.78 -12.32 3.26
CA ALA B 160 -11.03 -11.22 2.65
C ALA B 160 -9.85 -11.74 1.86
N VAL B 161 -9.49 -11.07 0.79
CA VAL B 161 -8.31 -11.36 0.03
C VAL B 161 -7.37 -10.17 0.12
N VAL B 162 -6.31 -10.28 0.89
CA VAL B 162 -5.50 -9.19 1.27
C VAL B 162 -4.32 -9.12 0.30
N THR B 163 -4.25 -8.05 -0.51
CA THR B 163 -3.34 -7.92 -1.60
C THR B 163 -2.27 -6.86 -1.34
N LYS B 164 -2.46 -6.06 -0.28
CA LYS B 164 -1.64 -4.89 -0.01
C LYS B 164 -1.51 -4.75 1.50
N ASP B 165 -0.56 -3.94 1.98
CA ASP B 165 -0.35 -3.75 3.39
C ASP B 165 -1.62 -3.29 4.09
N VAL B 166 -1.72 -3.64 5.36
CA VAL B 166 -2.80 -3.24 6.19
C VAL B 166 -2.22 -2.52 7.38
N PRO B 167 -2.63 -1.26 7.64
CA PRO B 167 -2.06 -0.51 8.75
C PRO B 167 -2.68 -0.92 10.07
N ASP B 168 -2.16 -0.37 11.15
CA ASP B 168 -2.64 -0.71 12.46
C ASP B 168 -4.10 -0.33 12.62
N ASN B 169 -4.82 -1.03 13.47
CA ASN B 169 -6.04 -0.54 14.07
C ASN B 169 -7.16 -0.33 13.07
N VAL B 170 -7.29 -1.26 12.11
CA VAL B 170 -8.35 -1.21 11.12
C VAL B 170 -8.98 -2.58 10.98
N VAL B 171 -10.20 -2.57 10.42
CA VAL B 171 -10.86 -3.77 9.89
C VAL B 171 -10.79 -3.69 8.38
N VAL B 172 -10.38 -4.79 7.75
CA VAL B 172 -10.37 -4.86 6.29
C VAL B 172 -11.24 -6.02 5.82
N GLY B 173 -11.89 -5.86 4.67
CA GLY B 173 -12.76 -6.87 4.10
C GLY B 173 -12.93 -6.69 2.63
N GLY B 174 -13.31 -7.76 1.94
CA GLY B 174 -13.58 -7.78 0.53
C GLY B 174 -12.47 -8.43 -0.28
N ASN B 175 -12.61 -8.37 -1.59
CA ASN B 175 -11.67 -8.96 -2.53
C ASN B 175 -11.57 -8.06 -3.76
N PRO B 176 -10.49 -7.27 -3.91
CA PRO B 176 -9.37 -7.13 -2.99
C PRO B 176 -9.84 -6.43 -1.71
N ALA B 177 -9.24 -6.77 -0.57
CA ALA B 177 -9.62 -6.19 0.66
C ALA B 177 -9.39 -4.69 0.65
N ARG B 178 -10.22 -4.03 1.40
CA ARG B 178 -10.14 -2.57 1.64
C ARG B 178 -10.54 -2.28 3.10
N ILE B 179 -10.13 -1.13 3.62
CA ILE B 179 -10.53 -0.76 4.95
C ILE B 179 -12.04 -0.53 5.05
N ILE B 180 -12.68 -1.17 5.99
CA ILE B 180 -14.11 -1.03 6.18
C ILE B 180 -14.47 -0.41 7.50
N LYS B 181 -13.54 -0.32 8.42
CA LYS B 181 -13.81 0.33 9.74
C LYS B 181 -12.46 0.68 10.38
N LYS B 182 -12.39 1.83 11.05
CA LYS B 182 -11.24 2.21 11.83
C LYS B 182 -11.55 1.89 13.27
N LEU B 183 -10.59 1.36 14.01
CA LEU B 183 -10.81 1.04 15.42
C LEU B 183 -10.42 2.27 16.26
#